data_8GDO
#
_entry.id   8GDO
#
_cell.length_a   62.290
_cell.length_b   80.400
_cell.length_c   135.350
_cell.angle_alpha   90.000
_cell.angle_beta   90.000
_cell.angle_gamma   90.000
#
_symmetry.space_group_name_H-M   'P 21 21 21'
#
loop_
_entity.id
_entity.type
_entity.pdbx_description
1 polymer 'DH1010 Fab Heavy Chain'
2 polymer 'DH1010 Fab Light chain'
3 water water
#
loop_
_entity_poly.entity_id
_entity_poly.type
_entity_poly.pdbx_seq_one_letter_code
_entity_poly.pdbx_strand_id
1 'polypeptide(L)'
;QVQLVQSGAEVEKPGASVKVSCKASGYIFTKYWVHWVRQAPGQGLEWMGMIDPEDSSTRYAQKFQGRVTLTWDTCSTTVY
MEMSSLRSEDTAIYYCARADRQDFDHWGQGTLVTVSSASTKGPSVFPLAPSSKSTSGGTAALGCLVKDYFPEPVTVSWNS
GALTSGVHTFPAVLQSSGLYSLSSVVTVPSSSLGTQTYICNVNHKPSNTKVDKKVEPKSCDK
;
H
2 'polypeptide(L)'
;DIVMTQTPLSSPVTLGQPASISCRSSQSLLHSDGNTYLSWLQQRPGQPPRLLIYKVSNRFSEVPDRFSGSGAGTDFTLKI
SRVEAEDVGIYYCMQGTQFPRTFGQGTKLEIERTVAAPSVFIFPPSDEQLKSGTASVVCLLNNFYPREAKVQWKVDNALQ
SGNSQESVTEQDSKDSTYSLSSTLTLSKADYEKHKVYACEVTHQGLSSPVTKSFNRGEC
;
L
#
# COMPACT_ATOMS: atom_id res chain seq x y z
N GLN A 1 -16.70 6.02 -15.98
CA GLN A 1 -17.57 5.90 -14.83
C GLN A 1 -17.83 4.44 -14.46
N VAL A 2 -17.15 3.50 -15.13
CA VAL A 2 -17.08 2.14 -14.61
C VAL A 2 -16.42 2.18 -13.24
N GLN A 3 -17.10 1.63 -12.23
CA GLN A 3 -16.47 1.48 -10.93
C GLN A 3 -16.76 0.11 -10.36
N LEU A 4 -15.82 -0.39 -9.55
CA LEU A 4 -16.03 -1.58 -8.75
C LEU A 4 -15.53 -1.26 -7.36
N VAL A 5 -16.43 -1.31 -6.38
CA VAL A 5 -16.11 -0.90 -5.01
C VAL A 5 -16.34 -2.11 -4.12
N GLN A 6 -15.28 -2.55 -3.45
CA GLN A 6 -15.33 -3.77 -2.66
C GLN A 6 -15.58 -3.49 -1.19
N SER A 7 -16.05 -4.53 -0.49
CA SER A 7 -16.32 -4.42 0.93
C SER A 7 -15.03 -4.32 1.72
N GLY A 8 -15.18 -4.04 3.03
CA GLY A 8 -14.04 -3.81 3.88
C GLY A 8 -13.32 -5.07 4.32
N ALA A 9 -12.20 -4.84 5.01
CA ALA A 9 -11.31 -5.93 5.38
C ALA A 9 -11.98 -6.94 6.32
N GLU A 10 -11.52 -8.19 6.26
CA GLU A 10 -12.08 -9.29 7.03
C GLU A 10 -10.96 -9.99 7.80
N VAL A 11 -11.35 -10.67 8.90
CA VAL A 11 -10.45 -11.59 9.58
C VAL A 11 -11.27 -12.77 10.09
N GLU A 12 -10.79 -13.99 9.87
CA GLU A 12 -11.53 -15.19 10.25
C GLU A 12 -10.55 -16.24 10.71
N LYS A 13 -11.03 -17.14 11.59
CA LYS A 13 -10.21 -18.24 12.06
C LYS A 13 -10.06 -19.30 10.97
N PRO A 14 -8.98 -20.10 11.02
CA PRO A 14 -8.89 -21.26 10.13
C PRO A 14 -10.15 -22.12 10.24
N GLY A 15 -10.62 -22.62 9.10
CA GLY A 15 -11.82 -23.41 9.03
C GLY A 15 -13.10 -22.64 8.74
N ALA A 16 -13.12 -21.33 9.00
CA ALA A 16 -14.31 -20.54 8.77
C ALA A 16 -14.42 -20.18 7.29
N SER A 17 -15.44 -19.42 6.95
CA SER A 17 -15.61 -18.96 5.58
C SER A 17 -15.69 -17.44 5.60
N VAL A 18 -15.51 -16.84 4.42
CA VAL A 18 -15.64 -15.40 4.26
C VAL A 18 -16.43 -15.12 2.99
N LYS A 19 -17.11 -13.98 2.96
CA LYS A 19 -17.82 -13.55 1.76
C LYS A 19 -17.55 -12.08 1.51
N VAL A 20 -16.98 -11.77 0.35
CA VAL A 20 -16.50 -10.46 -0.04
C VAL A 20 -17.41 -9.94 -1.14
N SER A 21 -17.76 -8.66 -1.10
CA SER A 21 -18.63 -8.08 -2.11
C SER A 21 -17.87 -7.14 -3.02
N CYS A 22 -18.35 -7.05 -4.27
CA CYS A 22 -17.82 -6.18 -5.31
C CYS A 22 -19.01 -5.48 -5.95
N LYS A 23 -19.25 -4.21 -5.57
CA LYS A 23 -20.37 -3.43 -6.09
C LYS A 23 -19.98 -2.77 -7.40
N ALA A 24 -20.66 -3.14 -8.49
CA ALA A 24 -20.41 -2.58 -9.80
C ALA A 24 -21.32 -1.39 -10.06
N SER A 25 -20.81 -0.39 -10.77
CA SER A 25 -21.64 0.74 -11.15
C SER A 25 -21.14 1.32 -12.46
N GLY A 26 -22.06 1.95 -13.21
CA GLY A 26 -21.67 2.78 -14.33
C GLY A 26 -21.47 2.08 -15.67
N TYR A 27 -21.99 0.88 -15.85
CA TYR A 27 -21.93 0.24 -17.17
C TYR A 27 -23.06 -0.78 -17.26
N ILE A 28 -23.21 -1.40 -18.43
CA ILE A 28 -24.20 -2.45 -18.62
C ILE A 28 -23.63 -3.74 -18.03
N PHE A 29 -24.11 -4.11 -16.85
CA PHE A 29 -23.47 -5.16 -16.06
C PHE A 29 -23.51 -6.51 -16.76
N THR A 30 -24.62 -6.85 -17.43
CA THR A 30 -24.71 -8.17 -18.05
C THR A 30 -23.77 -8.36 -19.24
N LYS A 31 -23.14 -7.30 -19.73
CA LYS A 31 -22.32 -7.41 -20.94
C LYS A 31 -20.85 -7.73 -20.66
N TYR A 32 -20.46 -8.00 -19.41
CA TYR A 32 -19.03 -8.16 -19.10
C TYR A 32 -18.85 -9.20 -18.01
N TRP A 33 -17.94 -10.13 -18.24
CA TRP A 33 -17.56 -11.05 -17.19
C TRP A 33 -16.82 -10.30 -16.07
N VAL A 34 -17.02 -10.75 -14.83
CA VAL A 34 -16.28 -10.24 -13.68
C VAL A 34 -15.41 -11.36 -13.13
N HIS A 35 -14.13 -11.04 -12.88
CA HIS A 35 -13.13 -12.00 -12.43
C HIS A 35 -12.68 -11.65 -11.01
N TRP A 36 -12.15 -12.66 -10.33
CA TRP A 36 -11.51 -12.47 -9.04
C TRP A 36 -10.07 -12.94 -9.10
N VAL A 37 -9.16 -12.13 -8.56
CA VAL A 37 -7.75 -12.54 -8.48
C VAL A 37 -7.24 -12.09 -7.12
N ARG A 38 -6.35 -12.88 -6.53
CA ARG A 38 -5.87 -12.55 -5.19
C ARG A 38 -4.36 -12.37 -5.22
N GLN A 39 -3.87 -11.74 -4.15
CA GLN A 39 -2.45 -11.39 -4.03
C GLN A 39 -2.05 -11.53 -2.58
N ALA A 40 -1.31 -12.59 -2.25
CA ALA A 40 -0.79 -12.74 -0.90
C ALA A 40 0.24 -11.64 -0.59
N PRO A 41 0.39 -11.20 0.69
CA PRO A 41 1.26 -10.08 1.06
C PRO A 41 2.26 -9.60 -0.01
N GLY A 42 3.53 -10.00 0.11
CA GLY A 42 4.55 -9.61 -0.88
C GLY A 42 4.61 -10.63 -2.00
N GLN A 43 3.49 -10.85 -2.69
CA GLN A 43 3.45 -11.91 -3.74
C GLN A 43 2.83 -11.38 -5.03
N GLY A 44 2.68 -12.26 -6.03
CA GLY A 44 2.12 -11.87 -7.29
C GLY A 44 0.63 -12.12 -7.36
N LEU A 45 0.13 -12.17 -8.58
CA LEU A 45 -1.31 -12.22 -8.83
C LEU A 45 -1.71 -13.64 -9.19
N GLU A 46 -2.84 -14.10 -8.63
CA GLU A 46 -3.32 -15.46 -8.83
C GLU A 46 -4.80 -15.41 -9.22
N TRP A 47 -5.11 -15.87 -10.43
CA TRP A 47 -6.49 -15.91 -10.89
C TRP A 47 -7.30 -16.97 -10.15
N MET A 48 -8.53 -16.63 -9.76
CA MET A 48 -9.42 -17.51 -9.02
C MET A 48 -10.61 -18.02 -9.83
N GLY A 49 -11.27 -17.17 -10.60
CA GLY A 49 -12.49 -17.57 -11.29
C GLY A 49 -13.17 -16.36 -11.90
N MET A 50 -14.34 -16.61 -12.49
CA MET A 50 -15.08 -15.52 -13.11
C MET A 50 -16.55 -15.88 -13.14
N ILE A 51 -17.39 -14.85 -13.25
CA ILE A 51 -18.85 -15.04 -13.31
C ILE A 51 -19.40 -14.15 -14.42
N ASP A 52 -20.40 -14.68 -15.16
CA ASP A 52 -21.11 -13.91 -16.18
C ASP A 52 -22.43 -13.43 -15.59
N PRO A 53 -22.63 -12.13 -15.35
CA PRO A 53 -23.91 -11.69 -14.75
C PRO A 53 -25.11 -11.95 -15.63
N GLU A 54 -24.93 -12.13 -16.95
CA GLU A 54 -26.05 -12.39 -17.84
C GLU A 54 -26.81 -13.65 -17.43
N ASP A 55 -26.10 -14.75 -17.21
CA ASP A 55 -26.72 -16.01 -16.90
C ASP A 55 -26.23 -16.63 -15.60
N SER A 56 -25.37 -15.93 -14.84
CA SER A 56 -24.80 -16.39 -13.58
C SER A 56 -23.91 -17.63 -13.72
N SER A 57 -23.43 -17.92 -14.92
CA SER A 57 -22.50 -19.03 -15.04
C SER A 57 -21.14 -18.63 -14.49
N THR A 58 -20.38 -19.62 -14.06
CA THR A 58 -19.11 -19.41 -13.40
C THR A 58 -18.07 -20.35 -13.97
N ARG A 59 -16.81 -20.03 -13.70
CA ARG A 59 -15.71 -20.91 -13.99
C ARG A 59 -14.64 -20.59 -12.96
N TYR A 60 -14.09 -21.62 -12.34
CA TYR A 60 -13.07 -21.49 -11.30
C TYR A 60 -11.76 -22.17 -11.74
N ALA A 61 -10.65 -21.67 -11.23
CA ALA A 61 -9.40 -22.42 -11.33
C ALA A 61 -9.51 -23.71 -10.52
N GLN A 62 -8.85 -24.77 -11.00
CA GLN A 62 -8.94 -26.08 -10.34
C GLN A 62 -8.73 -25.98 -8.83
N LYS A 63 -7.70 -25.26 -8.39
CA LYS A 63 -7.39 -25.21 -6.97
C LYS A 63 -8.45 -24.51 -6.12
N PHE A 64 -9.43 -23.84 -6.73
CA PHE A 64 -10.52 -23.23 -5.95
C PHE A 64 -11.88 -23.88 -6.18
N GLN A 65 -11.97 -24.87 -7.09
CA GLN A 65 -13.24 -25.56 -7.31
C GLN A 65 -13.68 -26.23 -6.01
N GLY A 66 -14.95 -26.03 -5.67
CA GLY A 66 -15.46 -26.63 -4.47
C GLY A 66 -15.19 -25.84 -3.21
N ARG A 67 -14.37 -24.80 -3.29
CA ARG A 67 -14.11 -23.93 -2.15
C ARG A 67 -14.51 -22.49 -2.37
N VAL A 68 -14.52 -22.00 -3.60
CA VAL A 68 -14.93 -20.63 -3.94
C VAL A 68 -16.25 -20.68 -4.67
N THR A 69 -17.16 -19.78 -4.28
CA THR A 69 -18.44 -19.61 -4.96
C THR A 69 -18.62 -18.14 -5.33
N LEU A 70 -18.84 -17.87 -6.61
CA LEU A 70 -19.16 -16.54 -7.10
C LEU A 70 -20.66 -16.44 -7.38
N THR A 71 -21.28 -15.34 -6.96
CA THR A 71 -22.69 -15.09 -7.30
C THR A 71 -22.86 -13.64 -7.74
N TRP A 72 -23.96 -13.39 -8.44
CA TRP A 72 -24.31 -12.07 -8.96
C TRP A 72 -25.70 -11.70 -8.46
N ASP A 73 -25.81 -10.59 -7.75
CA ASP A 73 -27.10 -10.13 -7.22
C ASP A 73 -27.52 -8.92 -8.07
N THR A 74 -28.48 -9.12 -8.97
CA THR A 74 -28.77 -8.08 -9.97
C THR A 74 -29.35 -6.83 -9.32
N CYS A 75 -30.21 -6.97 -8.30
CA CYS A 75 -30.89 -5.80 -7.76
C CYS A 75 -29.94 -4.89 -6.98
N SER A 76 -28.87 -5.43 -6.41
CA SER A 76 -27.85 -4.60 -5.79
C SER A 76 -26.62 -4.44 -6.68
N THR A 77 -26.69 -4.88 -7.93
CA THR A 77 -25.58 -4.87 -8.91
C THR A 77 -24.25 -5.23 -8.25
N THR A 78 -24.25 -6.33 -7.50
CA THR A 78 -23.09 -6.74 -6.71
C THR A 78 -22.69 -8.18 -7.00
N VAL A 79 -21.37 -8.41 -7.24
CA VAL A 79 -20.80 -9.76 -7.29
C VAL A 79 -20.28 -10.11 -5.90
N TYR A 80 -20.50 -11.35 -5.47
CA TYR A 80 -19.99 -11.84 -4.19
C TYR A 80 -19.01 -12.98 -4.42
N MET A 81 -17.95 -13.01 -3.64
CA MET A 81 -17.01 -14.12 -3.66
C MET A 81 -17.08 -14.71 -2.26
N GLU A 82 -17.45 -15.97 -2.16
CA GLU A 82 -17.44 -16.64 -0.86
C GLU A 82 -16.40 -17.75 -0.91
N MET A 83 -15.58 -17.85 0.13
CA MET A 83 -14.64 -18.97 0.15
C MET A 83 -14.66 -19.61 1.53
N SER A 84 -14.67 -20.95 1.54
CA SER A 84 -14.90 -21.72 2.75
C SER A 84 -13.62 -22.45 3.13
N SER A 85 -13.64 -23.02 4.33
CA SER A 85 -12.52 -23.81 4.86
C SER A 85 -11.22 -23.03 4.75
N LEU A 86 -11.23 -21.81 5.29
CA LEU A 86 -10.09 -20.93 5.13
C LEU A 86 -8.84 -21.52 5.79
N ARG A 87 -7.69 -21.20 5.19
CA ARG A 87 -6.38 -21.65 5.62
C ARG A 87 -5.47 -20.44 5.75
N SER A 88 -4.42 -20.56 6.55
CA SER A 88 -3.44 -19.46 6.64
C SER A 88 -3.01 -19.00 5.26
N GLU A 89 -2.83 -19.93 4.31
CA GLU A 89 -2.37 -19.61 2.97
C GLU A 89 -3.38 -18.76 2.21
N ASP A 90 -4.60 -18.62 2.71
CA ASP A 90 -5.62 -17.81 2.07
C ASP A 90 -5.56 -16.35 2.46
N THR A 91 -4.67 -15.98 3.39
CA THR A 91 -4.47 -14.56 3.68
C THR A 91 -3.96 -13.88 2.42
N ALA A 92 -4.66 -12.83 1.99
CA ALA A 92 -4.35 -12.19 0.71
C ALA A 92 -5.29 -11.01 0.53
N ILE A 93 -4.92 -10.16 -0.42
CA ILE A 93 -5.80 -9.11 -0.92
C ILE A 93 -6.58 -9.71 -2.08
N TYR A 94 -7.91 -9.65 -2.01
CA TYR A 94 -8.79 -10.22 -3.02
C TYR A 94 -9.35 -9.08 -3.86
N TYR A 95 -9.18 -9.18 -5.19
CA TYR A 95 -9.62 -8.16 -6.14
C TYR A 95 -10.75 -8.70 -6.99
N CYS A 96 -11.72 -7.86 -7.32
CA CYS A 96 -12.58 -8.14 -8.45
C CYS A 96 -12.12 -7.28 -9.63
N ALA A 97 -12.34 -7.79 -10.83
CA ALA A 97 -11.91 -7.06 -12.01
C ALA A 97 -12.87 -7.34 -13.13
N ARG A 98 -13.23 -6.30 -13.86
CA ARG A 98 -14.03 -6.47 -15.07
C ARG A 98 -13.14 -6.88 -16.23
N ALA A 99 -13.61 -7.83 -17.03
CA ALA A 99 -12.97 -8.17 -18.29
C ALA A 99 -13.77 -7.58 -19.44
N ASP A 100 -13.05 -7.13 -20.47
CA ASP A 100 -13.64 -6.70 -21.73
C ASP A 100 -12.86 -7.39 -22.84
N ARG A 101 -13.49 -8.34 -23.54
CA ARG A 101 -12.83 -9.12 -24.58
C ARG A 101 -11.55 -9.77 -24.03
N GLN A 102 -11.69 -10.39 -22.85
CA GLN A 102 -10.71 -11.20 -22.13
C GLN A 102 -9.74 -10.37 -21.30
N ASP A 103 -9.63 -9.06 -21.55
CA ASP A 103 -8.65 -8.23 -20.85
C ASP A 103 -9.24 -7.60 -19.58
N PHE A 104 -8.43 -7.49 -18.52
CA PHE A 104 -8.94 -7.01 -17.23
C PHE A 104 -8.81 -5.49 -17.18
N ASP A 105 -9.89 -4.77 -17.54
CA ASP A 105 -9.75 -3.34 -17.78
C ASP A 105 -10.13 -2.44 -16.59
N HIS A 106 -10.80 -2.96 -15.57
CA HIS A 106 -11.14 -2.18 -14.38
C HIS A 106 -11.07 -3.06 -13.15
N TRP A 107 -10.37 -2.60 -12.11
CA TRP A 107 -10.13 -3.38 -10.91
C TRP A 107 -10.74 -2.71 -9.70
N GLY A 108 -11.36 -3.50 -8.82
CA GLY A 108 -11.76 -2.99 -7.52
C GLY A 108 -10.51 -2.66 -6.71
N GLN A 109 -10.73 -2.05 -5.53
CA GLN A 109 -9.60 -1.61 -4.70
C GLN A 109 -8.99 -2.75 -3.89
N GLY A 110 -9.57 -3.94 -3.93
CA GLY A 110 -9.03 -5.03 -3.12
C GLY A 110 -9.61 -5.05 -1.72
N THR A 111 -9.76 -6.28 -1.20
CA THR A 111 -10.22 -6.55 0.16
C THR A 111 -9.17 -7.43 0.83
N LEU A 112 -8.59 -6.97 1.93
CA LEU A 112 -7.69 -7.83 2.70
C LEU A 112 -8.50 -8.82 3.53
N VAL A 113 -8.19 -10.10 3.39
CA VAL A 113 -8.73 -11.16 4.24
C VAL A 113 -7.56 -11.78 5.00
N THR A 114 -7.61 -11.72 6.34
CA THR A 114 -6.59 -12.34 7.17
C THR A 114 -7.15 -13.59 7.82
N VAL A 115 -6.47 -14.72 7.66
CA VAL A 115 -6.87 -15.95 8.34
C VAL A 115 -5.97 -16.12 9.55
N SER A 116 -6.55 -16.00 10.74
CA SER A 116 -5.73 -16.09 11.94
C SER A 116 -6.60 -16.49 13.12
N SER A 117 -6.00 -17.23 14.06
CA SER A 117 -6.66 -17.49 15.34
C SER A 117 -6.27 -16.50 16.43
N ALA A 118 -5.39 -15.54 16.13
CA ALA A 118 -5.03 -14.53 17.12
C ALA A 118 -6.22 -13.61 17.38
N SER A 119 -6.24 -13.03 18.58
CA SER A 119 -7.35 -12.19 18.99
C SER A 119 -7.33 -10.86 18.24
N THR A 120 -8.50 -10.39 17.85
CA THR A 120 -8.61 -9.06 17.25
C THR A 120 -8.47 -8.00 18.34
N LYS A 121 -7.72 -6.93 18.04
CA LYS A 121 -7.58 -5.82 18.98
C LYS A 121 -7.61 -4.50 18.22
N GLY A 122 -8.41 -3.56 18.70
CA GLY A 122 -8.48 -2.25 18.11
C GLY A 122 -7.36 -1.36 18.61
N PRO A 123 -6.97 -0.38 17.80
CA PRO A 123 -5.82 0.46 18.15
C PRO A 123 -6.20 1.57 19.11
N SER A 124 -5.18 2.09 19.78
CA SER A 124 -5.23 3.41 20.38
C SER A 124 -4.63 4.42 19.40
N VAL A 125 -5.12 5.66 19.44
CA VAL A 125 -4.69 6.72 18.54
C VAL A 125 -4.12 7.87 19.36
N PHE A 126 -2.85 8.23 19.12
CA PHE A 126 -2.22 9.32 19.86
C PHE A 126 -1.73 10.42 18.92
N PRO A 127 -1.82 11.69 19.32
CA PRO A 127 -1.29 12.77 18.48
C PRO A 127 0.24 12.75 18.38
N LEU A 128 0.74 13.07 17.18
CA LEU A 128 2.13 13.49 16.97
C LEU A 128 2.07 15.01 16.75
N ALA A 129 2.27 15.76 17.82
CA ALA A 129 1.97 17.20 17.82
C ALA A 129 3.09 17.99 17.15
N PRO A 130 2.73 18.99 16.33
CA PRO A 130 3.76 19.79 15.66
C PRO A 130 4.58 20.60 16.65
N SER A 131 5.89 20.70 16.37
CA SER A 131 6.84 21.36 17.26
C SER A 131 6.92 22.87 17.03
N GLY A 137 8.67 30.65 9.09
CA GLY A 137 8.21 30.62 7.71
C GLY A 137 8.52 29.32 6.97
N GLY A 138 8.69 28.24 7.73
CA GLY A 138 9.05 26.97 7.15
C GLY A 138 7.89 25.98 7.11
N THR A 139 8.23 24.71 7.31
CA THR A 139 7.31 23.60 7.21
C THR A 139 7.18 22.91 8.57
N ALA A 140 5.96 22.53 8.94
CA ALA A 140 5.73 21.78 10.18
C ALA A 140 5.23 20.38 9.87
N ALA A 141 5.64 19.41 10.70
CA ALA A 141 5.16 18.04 10.59
C ALA A 141 4.28 17.70 11.78
N LEU A 142 3.17 17.02 11.51
CA LEU A 142 2.29 16.52 12.55
C LEU A 142 1.76 15.16 12.10
N GLY A 143 1.15 14.44 13.03
CA GLY A 143 0.67 13.13 12.65
C GLY A 143 -0.15 12.46 13.73
N CYS A 144 -0.45 11.18 13.48
CA CYS A 144 -1.17 10.33 14.41
C CYS A 144 -0.45 9.02 14.57
N LEU A 145 -0.31 8.57 15.81
CA LEU A 145 0.27 7.26 16.10
C LEU A 145 -0.88 6.27 16.34
N VAL A 146 -0.90 5.20 15.56
CA VAL A 146 -1.96 4.20 15.63
C VAL A 146 -1.34 2.93 16.21
N LYS A 147 -1.50 2.72 17.51
CA LYS A 147 -0.70 1.75 18.24
C LYS A 147 -1.54 0.57 18.75
N ASP A 148 -0.97 -0.64 18.63
CA ASP A 148 -1.42 -1.85 19.32
C ASP A 148 -2.72 -2.40 18.76
N TYR A 149 -2.73 -2.79 17.49
CA TYR A 149 -3.91 -3.39 16.88
C TYR A 149 -3.57 -4.70 16.19
N PHE A 150 -4.62 -5.50 15.96
CA PHE A 150 -4.53 -6.73 15.20
C PHE A 150 -5.92 -7.05 14.64
N PRO A 151 -6.02 -7.53 13.40
CA PRO A 151 -4.97 -7.69 12.38
C PRO A 151 -4.86 -6.43 11.56
N GLU A 152 -4.03 -6.46 10.51
CA GLU A 152 -4.10 -5.43 9.50
C GLU A 152 -5.48 -5.48 8.82
N PRO A 153 -5.92 -4.39 8.19
CA PRO A 153 -5.28 -3.08 7.99
C PRO A 153 -5.94 -1.98 8.81
N VAL A 154 -5.28 -0.83 8.90
CA VAL A 154 -5.94 0.39 9.32
C VAL A 154 -5.81 1.38 8.19
N THR A 155 -6.77 2.29 8.10
CA THR A 155 -6.69 3.38 7.14
C THR A 155 -6.66 4.69 7.92
N VAL A 156 -5.90 5.65 7.42
CA VAL A 156 -5.85 6.98 8.02
C VAL A 156 -6.08 7.98 6.89
N SER A 157 -7.12 8.80 7.03
CA SER A 157 -7.29 9.95 6.17
C SER A 157 -7.08 11.20 7.01
N TRP A 158 -6.94 12.33 6.33
CA TRP A 158 -6.77 13.61 7.01
C TRP A 158 -7.86 14.57 6.57
N ASN A 159 -8.50 15.22 7.53
CA ASN A 159 -9.61 16.14 7.27
C ASN A 159 -10.63 15.49 6.35
N SER A 160 -11.00 14.25 6.70
CA SER A 160 -11.99 13.46 5.96
C SER A 160 -11.69 13.41 4.47
N GLY A 161 -10.41 13.44 4.10
CA GLY A 161 -10.02 13.30 2.72
C GLY A 161 -9.71 14.59 2.00
N ALA A 162 -9.87 15.72 2.68
CA ALA A 162 -9.56 17.01 2.05
C ALA A 162 -8.05 17.24 1.97
N LEU A 163 -7.28 16.68 2.89
CA LEU A 163 -5.84 16.85 2.94
C LEU A 163 -5.16 15.58 2.46
N THR A 164 -4.45 15.67 1.33
CA THR A 164 -3.81 14.49 0.77
C THR A 164 -2.36 14.76 0.42
N SER A 165 -2.05 16.00 0.06
CA SER A 165 -0.70 16.35 -0.34
C SER A 165 0.21 16.34 0.88
N GLY A 166 1.39 15.74 0.74
CA GLY A 166 2.34 15.66 1.83
C GLY A 166 2.02 14.65 2.91
N VAL A 167 0.97 13.85 2.75
CA VAL A 167 0.65 12.81 3.71
C VAL A 167 1.55 11.60 3.47
N HIS A 168 2.06 11.01 4.55
CA HIS A 168 2.82 9.76 4.49
C HIS A 168 2.28 8.85 5.59
N THR A 169 1.57 7.79 5.20
CA THR A 169 1.10 6.80 6.15
C THR A 169 2.01 5.59 6.02
N PHE A 170 2.73 5.29 7.08
CA PHE A 170 3.83 4.35 6.98
C PHE A 170 3.33 2.90 7.05
N PRO A 171 4.07 1.98 6.45
CA PRO A 171 3.79 0.55 6.66
C PRO A 171 3.80 0.24 8.15
N ALA A 172 2.82 -0.57 8.58
CA ALA A 172 2.77 -1.01 9.97
C ALA A 172 3.99 -1.85 10.31
N VAL A 173 4.45 -1.72 11.55
CA VAL A 173 5.51 -2.60 12.08
C VAL A 173 4.84 -3.56 13.05
N LEU A 174 5.27 -4.82 13.01
CA LEU A 174 4.82 -5.83 13.98
C LEU A 174 5.70 -5.75 15.23
N GLN A 175 5.10 -5.38 16.37
CA GLN A 175 5.84 -5.28 17.61
C GLN A 175 6.08 -6.67 18.22
N SER A 176 6.97 -6.72 19.21
CA SER A 176 7.27 -8.02 19.82
C SER A 176 6.07 -8.58 20.54
N SER A 177 5.07 -7.74 20.87
CA SER A 177 3.81 -8.21 21.44
C SER A 177 2.94 -8.97 20.43
N GLY A 178 3.30 -8.96 19.15
CA GLY A 178 2.43 -9.51 18.13
C GLY A 178 1.35 -8.56 17.65
N LEU A 179 1.33 -7.32 18.15
CA LEU A 179 0.40 -6.30 17.70
C LEU A 179 1.13 -5.29 16.82
N TYR A 180 0.39 -4.70 15.88
CA TYR A 180 0.89 -3.74 14.92
C TYR A 180 0.87 -2.33 15.50
N SER A 181 1.69 -1.46 14.89
CA SER A 181 1.65 -0.04 15.16
C SER A 181 2.09 0.69 13.90
N LEU A 182 1.44 1.80 13.60
CA LEU A 182 1.91 2.62 12.48
C LEU A 182 1.72 4.08 12.82
N SER A 183 2.43 4.92 12.07
CA SER A 183 2.24 6.36 12.14
C SER A 183 1.81 6.89 10.79
N SER A 184 1.07 7.99 10.83
CA SER A 184 0.66 8.72 9.64
C SER A 184 0.99 10.18 9.89
N VAL A 185 1.76 10.79 8.99
CA VAL A 185 2.22 12.15 9.18
C VAL A 185 1.82 12.98 7.98
N VAL A 186 1.86 14.30 8.17
CA VAL A 186 1.69 15.23 7.06
C VAL A 186 2.54 16.46 7.38
N THR A 187 3.06 17.10 6.33
CA THR A 187 3.81 18.33 6.48
C THR A 187 2.98 19.46 5.93
N VAL A 188 2.91 20.55 6.68
CA VAL A 188 2.03 21.67 6.39
C VAL A 188 2.80 22.95 6.59
N PRO A 189 2.31 24.06 6.06
CA PRO A 189 2.91 25.36 6.39
C PRO A 189 2.73 25.66 7.88
N SER A 190 3.83 26.06 8.52
CA SER A 190 3.76 26.42 9.94
C SER A 190 2.78 27.55 10.18
N SER A 191 2.57 28.41 9.18
CA SER A 191 1.68 29.54 9.36
C SER A 191 0.22 29.12 9.47
N SER A 192 -0.13 27.92 8.98
CA SER A 192 -1.48 27.40 9.12
C SER A 192 -1.76 26.82 10.50
N LEU A 193 -0.75 26.74 11.38
CA LEU A 193 -0.88 25.96 12.60
C LEU A 193 -1.93 26.53 13.53
N GLY A 194 -1.92 27.85 13.75
CA GLY A 194 -2.90 28.42 14.67
C GLY A 194 -4.30 28.57 14.12
N THR A 195 -4.49 28.38 12.82
CA THR A 195 -5.74 28.68 12.14
C THR A 195 -6.41 27.47 11.50
N GLN A 196 -5.66 26.60 10.82
CA GLN A 196 -6.24 25.45 10.14
C GLN A 196 -6.30 24.27 11.11
N THR A 197 -7.45 23.60 11.14
CA THR A 197 -7.65 22.44 12.00
C THR A 197 -7.28 21.16 11.26
N TYR A 198 -6.56 20.28 11.94
CA TYR A 198 -5.98 19.07 11.36
C TYR A 198 -6.48 17.86 12.13
N ILE A 199 -7.19 16.96 11.45
CA ILE A 199 -7.84 15.82 12.09
C ILE A 199 -7.49 14.57 11.30
N CYS A 200 -7.00 13.55 12.00
CA CYS A 200 -6.71 12.26 11.38
C CYS A 200 -7.88 11.33 11.64
N ASN A 201 -8.42 10.73 10.58
CA ASN A 201 -9.55 9.83 10.67
C ASN A 201 -9.02 8.40 10.56
N VAL A 202 -9.05 7.67 11.67
CA VAL A 202 -8.50 6.31 11.75
C VAL A 202 -9.64 5.31 11.73
N ASN A 203 -9.53 4.29 10.89
CA ASN A 203 -10.53 3.24 10.82
C ASN A 203 -9.83 1.89 10.92
N HIS A 204 -10.30 1.03 11.82
CA HIS A 204 -9.84 -0.36 11.93
C HIS A 204 -11.10 -1.22 11.88
N LYS A 205 -11.46 -1.63 10.67
CA LYS A 205 -12.72 -2.36 10.49
C LYS A 205 -12.83 -3.63 11.31
N PRO A 206 -11.79 -4.47 11.44
CA PRO A 206 -11.97 -5.72 12.23
C PRO A 206 -12.46 -5.54 13.66
N SER A 207 -12.10 -4.43 14.31
CA SER A 207 -12.55 -4.15 15.67
C SER A 207 -13.63 -3.08 15.70
N ASN A 208 -14.12 -2.67 14.53
CA ASN A 208 -15.07 -1.57 14.41
C ASN A 208 -14.60 -0.32 15.15
N THR A 209 -13.31 -0.02 15.05
CA THR A 209 -12.76 1.20 15.62
C THR A 209 -12.81 2.32 14.58
N LYS A 210 -13.46 3.44 14.95
CA LYS A 210 -13.47 4.65 14.14
C LYS A 210 -13.12 5.79 15.08
N VAL A 211 -12.01 6.47 14.81
CA VAL A 211 -11.49 7.54 15.68
C VAL A 211 -11.13 8.73 14.81
N ASP A 212 -11.60 9.91 15.20
CA ASP A 212 -11.15 11.17 14.61
C ASP A 212 -10.42 11.95 15.69
N LYS A 213 -9.12 12.16 15.49
CA LYS A 213 -8.27 12.82 16.47
C LYS A 213 -7.82 14.18 15.96
N LYS A 214 -8.18 15.23 16.69
CA LYS A 214 -7.64 16.55 16.41
C LYS A 214 -6.20 16.62 16.88
N VAL A 215 -5.31 17.07 16.00
CA VAL A 215 -3.89 17.17 16.28
C VAL A 215 -3.51 18.64 16.25
N GLU A 216 -3.13 19.19 17.39
CA GLU A 216 -2.81 20.59 17.55
C GLU A 216 -1.45 20.73 18.21
N PRO A 217 -0.79 21.88 18.04
CA PRO A 217 0.47 22.10 18.77
C PRO A 217 0.25 21.94 20.27
N LYS A 218 1.23 21.34 20.94
CA LYS A 218 1.16 21.21 22.38
C LYS A 218 1.26 22.61 23.00
N SER A 219 0.30 22.95 23.88
CA SER A 219 0.35 24.25 24.50
C SER A 219 1.52 24.30 25.48
N CYS A 220 2.29 25.37 25.42
CA CYS A 220 3.29 25.66 26.43
C CYS A 220 2.75 26.51 27.56
N ASP A 221 1.43 26.63 27.67
CA ASP A 221 0.82 27.40 28.74
C ASP A 221 0.96 26.66 30.05
N LYS A 222 1.38 27.38 31.08
CA LYS A 222 1.58 26.80 32.39
C LYS A 222 0.32 26.92 33.25
N ASP B 1 -1.29 -25.39 -18.18
CA ASP B 1 -1.46 -24.08 -17.59
C ASP B 1 -0.31 -23.32 -18.23
N ILE B 2 -0.52 -22.17 -18.82
CA ILE B 2 0.57 -21.44 -19.46
C ILE B 2 1.36 -20.68 -18.40
N VAL B 3 2.69 -20.82 -18.42
CA VAL B 3 3.57 -20.19 -17.45
C VAL B 3 4.15 -18.92 -18.09
N MET B 4 3.96 -17.79 -17.41
CA MET B 4 4.57 -16.53 -17.82
C MET B 4 5.75 -16.16 -16.95
N THR B 5 6.82 -15.71 -17.62
CA THR B 5 8.11 -15.46 -16.99
C THR B 5 8.57 -14.06 -17.37
N GLN B 6 8.85 -13.23 -16.38
CA GLN B 6 9.34 -11.89 -16.66
C GLN B 6 10.81 -11.80 -16.32
N THR B 7 11.45 -10.77 -16.86
CA THR B 7 12.85 -10.55 -16.50
C THR B 7 12.95 -9.38 -15.54
N PRO B 8 13.67 -9.53 -14.42
CA PRO B 8 13.88 -8.41 -13.50
C PRO B 8 14.72 -7.32 -14.15
N LEU B 9 14.51 -6.08 -13.72
CA LEU B 9 15.42 -5.01 -14.08
C LEU B 9 16.65 -5.06 -13.16
N SER B 10 17.81 -4.73 -13.71
CA SER B 10 19.04 -4.90 -12.94
C SER B 10 19.38 -3.70 -12.07
N SER B 11 18.71 -2.56 -12.25
CA SER B 11 19.03 -1.35 -11.52
C SER B 11 17.88 -0.36 -11.69
N PRO B 12 17.75 0.61 -10.79
CA PRO B 12 16.75 1.67 -10.97
C PRO B 12 16.97 2.40 -12.29
N VAL B 13 15.90 3.05 -12.75
CA VAL B 13 15.90 3.76 -14.03
C VAL B 13 15.95 5.26 -13.74
N THR B 14 16.87 5.96 -14.38
CA THR B 14 16.94 7.40 -14.20
C THR B 14 15.73 8.09 -14.82
N LEU B 15 15.17 9.06 -14.10
CA LEU B 15 14.10 9.89 -14.64
C LEU B 15 14.49 10.39 -16.02
N GLY B 16 13.56 10.29 -16.96
CA GLY B 16 13.75 10.76 -18.31
C GLY B 16 14.32 9.75 -19.28
N GLN B 17 14.91 8.66 -18.79
CA GLN B 17 15.55 7.58 -19.53
C GLN B 17 14.53 6.49 -19.88
N PRO B 18 14.74 5.80 -21.00
CA PRO B 18 13.82 4.73 -21.40
C PRO B 18 13.95 3.50 -20.52
N ALA B 19 12.89 2.69 -20.54
CA ALA B 19 12.90 1.41 -19.86
C ALA B 19 12.18 0.38 -20.72
N SER B 20 12.63 -0.87 -20.65
CA SER B 20 12.00 -2.00 -21.33
C SER B 20 11.83 -3.15 -20.37
N ILE B 21 10.63 -3.73 -20.36
CA ILE B 21 10.30 -4.88 -19.52
C ILE B 21 9.87 -6.02 -20.43
N SER B 22 10.40 -7.21 -20.19
CA SER B 22 10.17 -8.32 -21.08
C SER B 22 9.38 -9.42 -20.36
N CYS B 23 8.57 -10.11 -21.15
CA CYS B 23 7.71 -11.19 -20.67
C CYS B 23 7.68 -12.29 -21.71
N ARG B 24 7.80 -13.54 -21.27
CA ARG B 24 7.74 -14.68 -22.17
C ARG B 24 6.72 -15.68 -21.64
N SER B 25 6.07 -16.38 -22.56
CA SER B 25 5.13 -17.44 -22.21
C SER B 25 5.72 -18.80 -22.55
N SER B 26 5.24 -19.83 -21.84
CA SER B 26 5.72 -21.19 -22.08
C SER B 26 5.22 -21.77 -23.41
N GLN B 27 4.16 -21.21 -23.99
CA GLN B 27 3.76 -21.55 -25.35
C GLN B 27 3.16 -20.32 -25.98
N SER B 28 2.93 -20.40 -27.29
CA SER B 28 2.46 -19.25 -28.03
C SER B 28 1.14 -18.74 -27.45
N LEU B 29 1.01 -17.42 -27.38
CA LEU B 29 -0.22 -16.78 -26.95
C LEU B 29 -1.13 -16.44 -28.12
N LEU B 30 -0.78 -16.89 -29.33
CA LEU B 30 -1.63 -16.67 -30.50
C LEU B 30 -2.87 -17.56 -30.38
N HIS B 31 -4.03 -16.94 -30.26
CA HIS B 31 -5.26 -17.71 -30.17
C HIS B 31 -5.74 -18.12 -31.57
N SER B 32 -6.54 -19.18 -31.63
CA SER B 32 -7.09 -19.60 -32.93
C SER B 32 -7.99 -18.53 -33.52
N ASP B 33 -8.60 -17.68 -32.68
CA ASP B 33 -9.41 -16.59 -33.20
C ASP B 33 -8.58 -15.46 -33.82
N GLY B 34 -7.26 -15.60 -33.87
CA GLY B 34 -6.43 -14.59 -34.50
C GLY B 34 -5.85 -13.56 -33.55
N ASN B 35 -6.34 -13.49 -32.31
CA ASN B 35 -5.85 -12.52 -31.35
C ASN B 35 -4.70 -13.12 -30.54
N THR B 36 -3.82 -12.25 -30.06
CA THR B 36 -2.75 -12.64 -29.15
C THR B 36 -3.01 -11.93 -27.82
N TYR B 37 -3.44 -12.70 -26.83
CA TYR B 37 -3.99 -12.13 -25.59
C TYR B 37 -2.86 -11.95 -24.59
N LEU B 38 -2.08 -10.89 -24.79
CA LEU B 38 -1.02 -10.50 -23.87
C LEU B 38 -1.29 -9.06 -23.45
N SER B 39 -1.46 -8.83 -22.16
CA SER B 39 -1.68 -7.49 -21.65
C SER B 39 -0.66 -7.14 -20.58
N TRP B 40 -0.47 -5.84 -20.38
CA TRP B 40 0.47 -5.30 -19.39
C TRP B 40 -0.32 -4.47 -18.38
N LEU B 41 -0.07 -4.72 -17.09
CA LEU B 41 -0.71 -3.98 -16.02
C LEU B 41 0.35 -3.37 -15.12
N GLN B 42 0.07 -2.18 -14.60
CA GLN B 42 1.00 -1.60 -13.64
C GLN B 42 0.30 -1.46 -12.29
N GLN B 43 1.01 -1.84 -11.24
CA GLN B 43 0.52 -1.75 -9.87
C GLN B 43 1.41 -0.77 -9.12
N ARG B 44 0.87 0.39 -8.83
CA ARG B 44 1.55 1.36 -7.99
C ARG B 44 1.33 1.02 -6.53
N PRO B 45 2.22 1.45 -5.63
CA PRO B 45 2.16 0.94 -4.24
C PRO B 45 0.82 1.19 -3.57
N GLY B 46 0.30 0.15 -2.91
CA GLY B 46 -0.97 0.21 -2.20
C GLY B 46 -2.23 0.20 -3.06
N GLN B 47 -2.10 0.35 -4.40
CA GLN B 47 -3.20 0.47 -5.35
C GLN B 47 -3.48 -0.86 -6.05
N PRO B 48 -4.67 -1.03 -6.64
CA PRO B 48 -4.90 -2.19 -7.49
C PRO B 48 -4.14 -2.05 -8.80
N PRO B 49 -3.93 -3.14 -9.53
CA PRO B 49 -3.32 -3.03 -10.86
C PRO B 49 -4.22 -2.21 -11.77
N ARG B 50 -3.61 -1.61 -12.80
CA ARG B 50 -4.36 -0.89 -13.81
C ARG B 50 -3.89 -1.30 -15.20
N LEU B 51 -4.83 -1.43 -16.13
CA LEU B 51 -4.51 -1.91 -17.47
C LEU B 51 -3.79 -0.83 -18.25
N LEU B 52 -2.66 -1.18 -18.84
CA LEU B 52 -1.87 -0.26 -19.66
C LEU B 52 -1.97 -0.60 -21.14
N ILE B 53 -1.63 -1.84 -21.49
CA ILE B 53 -1.54 -2.32 -22.86
C ILE B 53 -2.36 -3.59 -22.94
N TYR B 54 -3.14 -3.75 -24.00
CA TYR B 54 -3.86 -5.00 -24.23
C TYR B 54 -3.61 -5.49 -25.66
N LYS B 55 -3.77 -6.81 -25.83
CA LYS B 55 -3.54 -7.49 -27.09
C LYS B 55 -2.22 -7.02 -27.72
N VAL B 56 -1.16 -7.17 -26.92
CA VAL B 56 0.25 -6.93 -27.28
C VAL B 56 0.61 -5.45 -27.38
N SER B 57 -0.18 -4.66 -28.12
CA SER B 57 0.30 -3.35 -28.55
C SER B 57 -0.71 -2.23 -28.42
N ASN B 58 -1.93 -2.48 -27.95
CA ASN B 58 -2.94 -1.44 -27.88
C ASN B 58 -2.93 -0.75 -26.51
N ARG B 59 -2.92 0.57 -26.54
CA ARG B 59 -2.91 1.40 -25.35
C ARG B 59 -4.35 1.52 -24.84
N PHE B 60 -4.58 1.16 -23.58
CA PHE B 60 -5.88 1.33 -22.98
C PHE B 60 -6.17 2.82 -22.85
N SER B 61 -7.46 3.17 -22.74
CA SER B 61 -7.85 4.57 -22.74
C SER B 61 -7.14 5.35 -21.64
N GLU B 62 -6.66 6.54 -21.99
CA GLU B 62 -5.97 7.49 -21.11
C GLU B 62 -4.54 7.09 -20.75
N VAL B 63 -4.03 5.98 -21.25
CA VAL B 63 -2.63 5.63 -21.02
C VAL B 63 -1.76 6.51 -21.91
N PRO B 64 -0.73 7.18 -21.36
CA PRO B 64 0.07 8.10 -22.18
C PRO B 64 0.90 7.38 -23.22
N ASP B 65 1.19 8.08 -24.33
CA ASP B 65 1.85 7.41 -25.45
C ASP B 65 3.31 7.11 -25.19
N ARG B 66 3.85 7.53 -24.04
CA ARG B 66 5.18 7.06 -23.67
C ARG B 66 5.22 5.56 -23.43
N PHE B 67 4.07 4.93 -23.13
CA PHE B 67 3.97 3.48 -23.06
C PHE B 67 3.66 2.87 -24.42
N SER B 68 4.36 1.77 -24.74
CA SER B 68 4.07 1.01 -25.94
C SER B 68 4.36 -0.46 -25.69
N GLY B 69 3.75 -1.31 -26.51
CA GLY B 69 3.93 -2.74 -26.38
C GLY B 69 4.18 -3.36 -27.74
N SER B 70 4.98 -4.41 -27.74
CA SER B 70 5.36 -5.09 -28.96
C SER B 70 5.59 -6.55 -28.64
N GLY B 71 5.73 -7.36 -29.68
CA GLY B 71 6.08 -8.76 -29.57
C GLY B 71 5.12 -9.64 -30.32
N ALA B 72 5.34 -10.95 -30.18
CA ALA B 72 4.50 -11.94 -30.84
C ALA B 72 4.86 -13.31 -30.30
N GLY B 73 3.89 -14.22 -30.38
CA GLY B 73 4.14 -15.62 -30.05
C GLY B 73 4.43 -15.87 -28.59
N THR B 74 5.70 -16.00 -28.24
CA THR B 74 6.10 -16.24 -26.87
C THR B 74 6.93 -15.11 -26.28
N ASP B 75 7.20 -14.04 -27.02
CA ASP B 75 8.14 -13.02 -26.56
C ASP B 75 7.52 -11.65 -26.69
N PHE B 76 7.50 -10.90 -25.58
CA PHE B 76 6.81 -9.62 -25.55
C PHE B 76 7.62 -8.60 -24.77
N THR B 77 7.39 -7.32 -25.08
CA THR B 77 8.12 -6.23 -24.47
C THR B 77 7.22 -5.04 -24.23
N LEU B 78 7.25 -4.51 -23.01
CA LEU B 78 6.66 -3.21 -22.70
C LEU B 78 7.77 -2.17 -22.69
N LYS B 79 7.54 -1.05 -23.34
CA LYS B 79 8.57 -0.03 -23.44
C LYS B 79 8.00 1.29 -22.95
N ILE B 80 8.76 1.98 -22.10
CA ILE B 80 8.47 3.35 -21.66
C ILE B 80 9.55 4.23 -22.29
N SER B 81 9.14 5.19 -23.13
CA SER B 81 10.11 5.98 -23.87
C SER B 81 10.96 6.84 -22.93
N ARG B 82 10.31 7.50 -21.96
CA ARG B 82 10.97 8.37 -20.99
C ARG B 82 10.26 8.17 -19.66
N VAL B 83 10.97 7.59 -18.69
CA VAL B 83 10.35 7.21 -17.44
C VAL B 83 10.06 8.47 -16.61
N GLU B 84 8.85 8.54 -16.06
CA GLU B 84 8.37 9.63 -15.22
C GLU B 84 8.20 9.13 -13.78
N ALA B 85 8.10 10.07 -12.82
CA ALA B 85 7.98 9.70 -11.41
C ALA B 85 6.81 8.76 -11.17
N GLU B 86 5.69 9.01 -11.84
N GLU B 86 5.68 9.01 -11.85
CA GLU B 86 4.48 8.22 -11.63
CA GLU B 86 4.47 8.22 -11.65
C GLU B 86 4.57 6.81 -12.22
C GLU B 86 4.58 6.80 -12.19
N ASP B 87 5.65 6.47 -12.91
CA ASP B 87 5.84 5.14 -13.47
C ASP B 87 6.41 4.14 -12.48
N VAL B 88 6.77 4.58 -11.27
CA VAL B 88 7.30 3.64 -10.28
C VAL B 88 6.21 2.61 -9.97
N GLY B 89 6.62 1.38 -9.68
CA GLY B 89 5.65 0.34 -9.35
C GLY B 89 6.10 -1.00 -9.88
N ILE B 90 5.15 -1.95 -9.92
CA ILE B 90 5.43 -3.30 -10.40
C ILE B 90 4.59 -3.54 -11.65
N TYR B 91 5.24 -4.04 -12.70
CA TYR B 91 4.59 -4.26 -13.98
C TYR B 91 4.37 -5.76 -14.17
N TYR B 92 3.15 -6.15 -14.55
CA TYR B 92 2.79 -7.55 -14.73
C TYR B 92 2.29 -7.76 -16.15
N CYS B 93 2.71 -8.87 -16.78
CA CYS B 93 2.07 -9.33 -18.00
C CYS B 93 1.00 -10.34 -17.62
N MET B 94 -0.05 -10.47 -18.45
CA MET B 94 -0.98 -11.54 -18.17
C MET B 94 -1.42 -12.11 -19.51
N GLN B 95 -1.59 -13.43 -19.59
CA GLN B 95 -2.13 -14.04 -20.79
C GLN B 95 -3.63 -14.35 -20.61
N GLY B 96 -4.39 -14.20 -21.69
CA GLY B 96 -5.81 -14.57 -21.69
C GLY B 96 -6.14 -15.42 -22.90
N THR B 97 -5.18 -16.24 -23.31
CA THR B 97 -5.37 -17.17 -24.42
C THR B 97 -5.88 -18.51 -23.95
N GLN B 98 -5.63 -18.87 -22.70
CA GLN B 98 -6.07 -20.15 -22.19
C GLN B 98 -6.45 -19.97 -20.73
N PHE B 99 -7.35 -20.84 -20.23
CA PHE B 99 -7.63 -20.91 -18.80
C PHE B 99 -6.75 -21.97 -18.16
N PRO B 100 -6.30 -21.74 -16.92
CA PRO B 100 -6.58 -20.56 -16.10
C PRO B 100 -5.85 -19.33 -16.64
N ARG B 101 -6.40 -18.14 -16.43
CA ARG B 101 -5.63 -16.93 -16.69
C ARG B 101 -4.40 -16.95 -15.79
N THR B 102 -3.26 -16.52 -16.33
CA THR B 102 -2.02 -16.55 -15.56
C THR B 102 -1.25 -15.26 -15.79
N PHE B 103 -0.46 -14.88 -14.78
CA PHE B 103 0.32 -13.66 -14.77
C PHE B 103 1.81 -13.99 -14.70
N GLY B 104 2.63 -13.11 -15.25
CA GLY B 104 4.05 -13.14 -14.91
C GLY B 104 4.26 -12.77 -13.46
N GLN B 105 5.49 -12.99 -12.96
CA GLN B 105 5.76 -12.74 -11.54
C GLN B 105 5.93 -11.27 -11.20
N GLY B 106 5.92 -10.40 -12.19
CA GLY B 106 6.05 -8.97 -11.93
C GLY B 106 7.47 -8.50 -12.15
N THR B 107 7.66 -7.28 -12.65
CA THR B 107 8.98 -6.65 -12.75
C THR B 107 8.90 -5.32 -12.03
N LYS B 108 9.80 -5.10 -11.07
CA LYS B 108 9.75 -3.89 -10.26
C LYS B 108 10.52 -2.78 -10.96
N LEU B 109 9.89 -1.61 -11.10
CA LEU B 109 10.55 -0.45 -11.68
C LEU B 109 10.82 0.53 -10.55
N GLU B 110 12.09 0.75 -10.24
CA GLU B 110 12.49 1.79 -9.30
C GLU B 110 13.13 2.95 -10.04
N ILE B 111 12.94 4.16 -9.49
CA ILE B 111 13.39 5.40 -10.10
C ILE B 111 14.66 5.85 -9.41
N GLU B 112 15.66 6.23 -10.20
CA GLU B 112 16.85 6.89 -9.67
C GLU B 112 16.76 8.38 -9.95
N ARG B 113 16.99 9.19 -8.92
CA ARG B 113 16.89 10.64 -9.01
C ARG B 113 18.08 11.23 -8.25
N THR B 114 18.10 12.57 -8.12
CA THR B 114 19.23 13.19 -7.47
C THR B 114 19.13 13.01 -5.95
N VAL B 115 20.28 13.12 -5.28
CA VAL B 115 20.31 13.01 -3.83
C VAL B 115 19.40 14.08 -3.23
N ALA B 116 18.66 13.71 -2.18
CA ALA B 116 17.79 14.64 -1.45
C ALA B 116 17.93 14.38 0.04
N ALA B 117 18.34 15.41 0.79
CA ALA B 117 18.50 15.23 2.23
C ALA B 117 17.14 15.15 2.91
N PRO B 118 17.01 14.38 3.99
CA PRO B 118 15.74 14.32 4.70
C PRO B 118 15.56 15.56 5.57
N SER B 119 14.30 15.99 5.68
CA SER B 119 13.90 16.87 6.77
C SER B 119 13.59 15.98 7.97
N VAL B 120 14.11 16.34 9.14
CA VAL B 120 13.99 15.50 10.32
C VAL B 120 13.13 16.20 11.37
N PHE B 121 12.23 15.44 11.98
CA PHE B 121 11.31 15.91 13.01
C PHE B 121 11.27 14.88 14.14
N ILE B 122 11.31 15.34 15.38
CA ILE B 122 11.16 14.45 16.54
C ILE B 122 9.87 14.80 17.27
N PHE B 123 9.15 13.77 17.73
CA PHE B 123 7.86 13.93 18.41
C PHE B 123 7.92 13.27 19.78
N PRO B 124 7.64 13.99 20.85
CA PRO B 124 7.60 13.38 22.18
C PRO B 124 6.35 12.52 22.33
N PRO B 125 6.33 11.61 23.30
CA PRO B 125 5.08 10.88 23.57
C PRO B 125 4.03 11.85 24.04
N SER B 126 2.78 11.56 23.66
CA SER B 126 1.66 12.35 24.12
C SER B 126 1.38 12.09 25.59
N ASP B 127 0.73 13.06 26.22
CA ASP B 127 0.35 12.91 27.62
C ASP B 127 -0.67 11.78 27.79
N GLU B 128 -1.59 11.63 26.82
CA GLU B 128 -2.57 10.55 26.90
C GLU B 128 -1.88 9.19 26.96
N GLN B 129 -0.83 8.98 26.16
CA GLN B 129 -0.17 7.68 26.15
C GLN B 129 0.61 7.47 27.44
N LEU B 130 1.22 8.51 27.97
CA LEU B 130 1.97 8.38 29.22
C LEU B 130 1.08 7.85 30.34
N LYS B 131 -0.17 8.34 30.43
CA LYS B 131 -1.10 7.83 31.43
C LYS B 131 -1.23 6.32 31.36
N SER B 132 -1.10 5.74 30.16
CA SER B 132 -1.20 4.30 29.96
C SER B 132 0.07 3.55 30.35
N GLY B 133 1.14 4.25 30.72
CA GLY B 133 2.35 3.60 31.20
C GLY B 133 3.44 3.35 30.18
N THR B 134 3.27 3.80 28.93
CA THR B 134 4.27 3.61 27.88
C THR B 134 4.53 4.92 27.17
N ALA B 135 5.78 5.12 26.73
CA ALA B 135 6.15 6.30 25.97
C ALA B 135 6.68 5.88 24.60
N SER B 136 6.02 6.33 23.55
CA SER B 136 6.53 6.22 22.19
C SER B 136 7.15 7.54 21.78
N VAL B 137 8.41 7.52 21.35
CA VAL B 137 9.09 8.69 20.79
C VAL B 137 9.30 8.42 19.32
N VAL B 138 8.87 9.35 18.46
CA VAL B 138 8.86 9.13 17.01
C VAL B 138 9.81 10.11 16.36
N CYS B 139 10.65 9.59 15.47
CA CYS B 139 11.51 10.41 14.63
C CYS B 139 11.13 10.20 13.17
N LEU B 140 10.91 11.32 12.46
CA LEU B 140 10.44 11.29 11.08
C LEU B 140 11.53 11.84 10.17
N LEU B 141 11.87 11.08 9.14
CA LEU B 141 12.78 11.48 8.08
C LEU B 141 11.95 11.65 6.82
N ASN B 142 11.86 12.88 6.30
CA ASN B 142 10.86 13.21 5.31
C ASN B 142 11.50 13.48 3.93
N ASN B 143 10.97 12.80 2.91
CA ASN B 143 11.42 13.04 1.51
C ASN B 143 12.94 13.01 1.37
N PHE B 144 13.56 11.83 1.32
CA PHE B 144 14.97 11.76 1.04
C PHE B 144 15.23 10.76 -0.08
N TYR B 145 16.43 10.87 -0.67
CA TYR B 145 16.90 9.95 -1.71
C TYR B 145 18.43 9.96 -1.63
N PRO B 146 19.11 8.78 -1.70
CA PRO B 146 18.56 7.41 -1.87
C PRO B 146 18.00 6.82 -0.58
N ARG B 147 17.56 5.57 -0.65
CA ARG B 147 16.79 4.95 0.43
C ARG B 147 17.63 4.71 1.68
N GLU B 148 18.92 4.48 1.49
CA GLU B 148 19.80 4.11 2.60
C GLU B 148 19.92 5.27 3.58
N ALA B 149 19.66 4.99 4.85
CA ALA B 149 19.67 6.03 5.87
C ALA B 149 19.83 5.34 7.22
N LYS B 150 20.57 5.97 8.14
CA LYS B 150 20.75 5.40 9.46
C LYS B 150 20.24 6.36 10.52
N VAL B 151 19.40 5.84 11.40
CA VAL B 151 18.78 6.57 12.51
C VAL B 151 19.29 5.97 13.80
N GLN B 152 19.80 6.81 14.68
CA GLN B 152 20.38 6.39 15.96
C GLN B 152 19.68 7.19 17.05
N TRP B 153 19.06 6.51 18.02
CA TRP B 153 18.41 7.16 19.14
C TRP B 153 19.42 7.35 20.27
N LYS B 154 19.36 8.51 20.93
CA LYS B 154 20.18 8.77 22.11
C LYS B 154 19.30 9.35 23.21
N VAL B 155 19.49 8.86 24.43
CA VAL B 155 18.77 9.33 25.62
C VAL B 155 19.82 9.75 26.65
N ASP B 156 19.79 11.02 27.05
CA ASP B 156 20.87 11.61 27.85
C ASP B 156 22.23 11.25 27.25
N ASN B 157 22.34 11.39 25.92
CA ASN B 157 23.49 11.07 25.08
C ASN B 157 23.95 9.61 25.16
N ALA B 158 23.15 8.71 25.74
CA ALA B 158 23.47 7.29 25.72
C ALA B 158 22.86 6.64 24.48
N LEU B 159 23.68 5.98 23.68
CA LEU B 159 23.21 5.32 22.47
C LEU B 159 22.22 4.21 22.79
N GLN B 160 21.04 4.24 22.17
CA GLN B 160 20.02 3.23 22.41
C GLN B 160 20.21 2.03 21.48
N SER B 161 19.76 0.88 21.94
CA SER B 161 19.85 -0.34 21.15
C SER B 161 18.75 -1.30 21.56
N GLY B 162 18.10 -1.90 20.56
CA GLY B 162 17.12 -2.94 20.78
C GLY B 162 15.76 -2.49 21.23
N ASN B 163 15.48 -1.17 21.24
CA ASN B 163 14.19 -0.68 21.68
C ASN B 163 13.57 0.26 20.66
N SER B 164 13.92 0.14 19.38
CA SER B 164 13.26 0.94 18.35
C SER B 164 12.93 0.08 17.13
N GLN B 165 11.95 0.55 16.39
CA GLN B 165 11.56 -0.09 15.14
C GLN B 165 11.33 1.00 14.11
N GLU B 166 11.64 0.70 12.86
CA GLU B 166 11.41 1.70 11.83
C GLU B 166 10.60 1.11 10.69
N SER B 167 10.04 2.02 9.90
CA SER B 167 9.23 1.69 8.74
C SER B 167 9.58 2.71 7.67
N VAL B 168 9.64 2.29 6.40
CA VAL B 168 9.96 3.16 5.27
C VAL B 168 8.85 3.07 4.24
N THR B 169 8.47 4.22 3.67
CA THR B 169 7.43 4.22 2.65
C THR B 169 7.98 3.69 1.35
N GLU B 170 7.07 3.35 0.45
CA GLU B 170 7.46 3.09 -0.93
C GLU B 170 7.85 4.40 -1.61
N GLN B 171 8.56 4.29 -2.72
CA GLN B 171 9.01 5.46 -3.46
C GLN B 171 7.84 6.33 -3.91
N ASP B 172 7.94 7.63 -3.66
CA ASP B 172 6.84 8.55 -3.92
C ASP B 172 6.60 8.69 -5.42
N SER B 173 5.32 8.66 -5.81
CA SER B 173 5.00 8.69 -7.23
C SER B 173 5.11 10.09 -7.84
N LYS B 174 5.34 11.12 -7.02
CA LYS B 174 5.51 12.49 -7.49
C LYS B 174 6.95 12.97 -7.44
N ASP B 175 7.67 12.76 -6.34
CA ASP B 175 9.06 13.22 -6.30
C ASP B 175 10.10 12.12 -6.15
N SER B 176 9.69 10.85 -6.17
CA SER B 176 10.59 9.70 -6.19
C SER B 176 11.45 9.59 -4.94
N THR B 177 11.02 10.17 -3.80
CA THR B 177 11.77 10.04 -2.56
C THR B 177 11.14 8.99 -1.65
N TYR B 178 11.82 8.75 -0.54
CA TYR B 178 11.39 7.87 0.53
C TYR B 178 11.18 8.71 1.78
N SER B 179 10.36 8.19 2.69
CA SER B 179 10.26 8.75 4.02
C SER B 179 10.35 7.62 5.04
N LEU B 180 10.78 7.95 6.25
CA LEU B 180 11.09 6.92 7.24
C LEU B 180 10.59 7.39 8.59
N SER B 181 10.02 6.48 9.36
CA SER B 181 9.64 6.79 10.72
C SER B 181 10.28 5.76 11.63
N SER B 182 10.82 6.22 12.74
CA SER B 182 11.46 5.37 13.73
C SER B 182 10.78 5.63 15.06
N THR B 183 10.38 4.57 15.74
CA THR B 183 9.69 4.69 17.01
C THR B 183 10.55 4.07 18.10
N LEU B 184 10.89 4.89 19.10
CA LEU B 184 11.56 4.45 20.32
C LEU B 184 10.51 4.24 21.40
N THR B 185 10.50 3.05 22.01
CA THR B 185 9.47 2.70 22.98
C THR B 185 10.11 2.47 24.34
N LEU B 186 9.70 3.26 25.32
CA LEU B 186 10.14 3.09 26.70
C LEU B 186 8.92 3.02 27.60
N SER B 187 9.09 2.37 28.76
CA SER B 187 8.07 2.50 29.79
C SER B 187 8.06 3.93 30.31
N LYS B 188 6.91 4.33 30.85
CA LYS B 188 6.81 5.65 31.48
C LYS B 188 7.92 5.84 32.51
N ALA B 189 8.16 4.80 33.31
CA ALA B 189 9.27 4.81 34.26
C ALA B 189 10.57 5.21 33.58
N ASP B 190 11.09 4.35 32.68
CA ASP B 190 12.38 4.64 32.05
C ASP B 190 12.38 6.00 31.36
N TYR B 191 11.25 6.37 30.75
CA TYR B 191 11.16 7.67 30.08
C TYR B 191 11.35 8.82 31.07
N GLU B 192 10.76 8.71 32.25
CA GLU B 192 10.73 9.82 33.19
C GLU B 192 11.98 9.95 34.04
N LYS B 193 12.94 9.01 33.94
CA LYS B 193 14.25 9.19 34.54
C LYS B 193 15.30 9.77 33.59
N HIS B 194 14.89 10.35 32.46
CA HIS B 194 15.85 10.98 31.56
C HIS B 194 15.24 12.23 30.96
N LYS B 195 16.11 13.13 30.50
CA LYS B 195 15.70 14.45 30.05
C LYS B 195 15.81 14.65 28.55
N VAL B 196 16.96 14.37 27.95
CA VAL B 196 17.24 14.73 26.57
C VAL B 196 16.98 13.54 25.65
N TYR B 197 16.08 13.71 24.69
CA TYR B 197 15.74 12.68 23.72
C TYR B 197 16.15 13.15 22.34
N ALA B 198 17.05 12.42 21.70
CA ALA B 198 17.65 12.84 20.45
C ALA B 198 17.53 11.74 19.40
N CYS B 199 17.32 12.17 18.16
CA CYS B 199 17.31 11.32 16.97
C CYS B 199 18.43 11.82 16.07
N GLU B 200 19.45 11.00 15.82
CA GLU B 200 20.57 11.40 14.98
C GLU B 200 20.53 10.64 13.66
N VAL B 201 20.58 11.37 12.55
CA VAL B 201 20.34 10.82 11.22
C VAL B 201 21.59 10.95 10.37
N THR B 202 21.99 9.83 9.75
CA THR B 202 23.07 9.82 8.77
C THR B 202 22.47 9.46 7.41
N HIS B 203 22.91 10.19 6.37
CA HIS B 203 22.36 10.03 5.03
C HIS B 203 23.26 10.79 4.06
N GLN B 204 23.27 10.33 2.81
CA GLN B 204 24.21 10.86 1.81
C GLN B 204 24.00 12.36 1.55
N GLY B 205 22.78 12.87 1.68
CA GLY B 205 22.56 14.28 1.46
C GLY B 205 22.84 15.18 2.66
N LEU B 206 23.24 14.62 3.79
CA LEU B 206 23.64 15.40 4.96
C LEU B 206 25.16 15.54 4.95
N SER B 207 25.64 16.78 5.01
CA SER B 207 27.08 17.01 5.07
C SER B 207 27.68 16.31 6.29
N SER B 208 26.99 16.36 7.42
CA SER B 208 27.35 15.60 8.61
C SER B 208 26.05 15.20 9.28
N PRO B 209 26.08 14.23 10.20
CA PRO B 209 24.83 13.77 10.82
C PRO B 209 24.03 14.90 11.45
N VAL B 210 22.71 14.81 11.29
CA VAL B 210 21.79 15.79 11.83
C VAL B 210 21.10 15.21 13.06
N THR B 211 21.03 16.00 14.12
CA THR B 211 20.33 15.59 15.33
C THR B 211 19.15 16.51 15.58
N LYS B 212 18.00 15.93 15.85
CA LYS B 212 16.83 16.62 16.38
C LYS B 212 16.57 16.08 17.78
N SER B 213 16.18 16.96 18.69
CA SER B 213 16.06 16.57 20.08
C SER B 213 15.02 17.42 20.80
N PHE B 214 14.62 16.96 21.97
CA PHE B 214 13.77 17.71 22.87
C PHE B 214 14.16 17.35 24.30
N ASN B 215 13.75 18.21 25.24
CA ASN B 215 13.93 17.95 26.66
C ASN B 215 12.55 17.67 27.26
N ARG B 216 12.44 16.54 27.95
CA ARG B 216 11.16 16.12 28.51
C ARG B 216 10.52 17.24 29.33
N GLY B 217 9.26 17.55 29.00
CA GLY B 217 8.52 18.54 29.76
C GLY B 217 8.94 19.97 29.55
N GLU B 218 9.51 20.29 28.39
CA GLU B 218 9.84 21.66 28.02
C GLU B 218 9.16 22.03 26.71
N CYS B 219 8.59 23.23 26.69
CA CYS B 219 7.74 23.78 25.63
C CYS B 219 7.84 23.11 24.26
#